data_4QXI
#
_entry.id   4QXI
#
_cell.length_a   49.403
_cell.length_b   66.542
_cell.length_c   47.311
_cell.angle_alpha   90.00
_cell.angle_beta   92.34
_cell.angle_gamma   90.00
#
_symmetry.space_group_name_H-M   'P 1 21 1'
#
loop_
_entity.id
_entity.type
_entity.pdbx_description
1 polymer 'Aldose reductase'
2 non-polymer 'NADP NICOTINAMIDE-ADENINE-DINUCLEOTIDE PHOSPHATE'
3 non-polymer '{2-[(4-amino-2-fluorobenzyl)carbamoyl]-5-chlorophenoxy}acetic acid'
4 water water
#
_entity_poly.entity_id   1
_entity_poly.type   'polypeptide(L)'
_entity_poly.pdbx_seq_one_letter_code
;MASRILLNNGAKMPILGLGTWKSPPGQVTEAVKVAIDVGYRHIDCAHVYQNENEVGVAIQEKLREQVVKREELFIVSKLW
CTYHEKGLVKGACQKTLSDLKLDYLDLYLIHWPTGFKPGKEFFPLDESGNVVPSDTNILDTWAAMEELVDEGLVKAIGIS
NFNHLQVEMILNKPGLKYKPAVNQIECHPYLTQEKLIQYCQSKGIVVTAYSPLGSPDRPWAKPEDPSLLEDPRIKAIAAK
HNKTTAQVLIRFPMQRNLVVIPKSVTPERIAENFKVFDFELSSQDMTTLLSYNRNWRVCALLSCTSHKDYPFHEEF
;
_entity_poly.pdbx_strand_id   A
#
loop_
_chem_comp.id
_chem_comp.type
_chem_comp.name
_chem_comp.formula
I98 non-polymer '{2-[(4-amino-2-fluorobenzyl)carbamoyl]-5-chlorophenoxy}acetic acid' 'C16 H14 Cl F N2 O4'
NAP non-polymer 'NADP NICOTINAMIDE-ADENINE-DINUCLEOTIDE PHOSPHATE' 'C21 H28 N7 O17 P3'
#
# COMPACT_ATOMS: atom_id res chain seq x y z
N MET A 1 7.36 20.43 6.14
CA MET A 1 6.97 19.13 6.68
C MET A 1 8.09 18.11 6.50
N ALA A 2 8.32 17.31 7.54
CA ALA A 2 9.39 16.32 7.54
C ALA A 2 9.15 15.22 6.50
N SER A 3 10.24 14.59 6.06
CA SER A 3 10.15 13.58 5.01
C SER A 3 9.79 12.19 5.52
N ARG A 4 9.93 11.95 6.82
CA ARG A 4 9.68 10.63 7.38
C ARG A 4 8.76 10.72 8.60
N ILE A 5 8.07 9.62 8.85
CA ILE A 5 7.17 9.50 9.99
C ILE A 5 7.66 8.36 10.89
N LEU A 6 7.60 8.58 12.19
CA LEU A 6 8.05 7.58 13.16
C LEU A 6 7.01 6.48 13.35
N LEU A 7 7.43 5.24 13.17
CA LEU A 7 6.60 4.06 13.39
C LEU A 7 6.69 3.57 14.83
N ASN A 8 5.72 2.75 15.21
CA ASN A 8 5.69 2.21 16.57
C ASN A 8 6.68 1.06 16.80
N ASN A 9 7.53 0.77 15.82
CA ASN A 9 8.68 -0.11 16.04
C ASN A 9 9.97 0.69 16.24
N GLY A 10 9.85 2.02 16.27
CA GLY A 10 11.01 2.88 16.46
C GLY A 10 11.76 3.29 15.22
N ALA A 11 11.34 2.82 14.06
CA ALA A 11 11.97 3.18 12.79
C ALA A 11 11.21 4.30 12.09
N LYS A 12 11.88 5.00 11.18
CA LYS A 12 11.26 6.08 10.43
C LYS A 12 10.96 5.63 9.00
N MET A 13 9.79 6.03 8.52
CA MET A 13 9.28 5.62 7.22
C MET A 13 9.09 6.84 6.32
N PRO A 14 9.67 6.84 5.11
CA PRO A 14 9.44 7.99 4.21
C PRO A 14 7.97 8.11 3.83
N ILE A 15 7.45 9.34 3.93
CA ILE A 15 6.03 9.56 3.69
C ILE A 15 5.66 9.53 2.22
N LEU A 16 6.64 9.59 1.33
CA LEU A 16 6.38 9.43 -0.09
C LEU A 16 7.12 8.19 -0.58
N GLY A 17 6.39 7.30 -1.25
CA GLY A 17 6.99 6.13 -1.86
C GLY A 17 6.48 5.95 -3.28
N LEU A 18 7.18 5.07 -4.00
CA LEU A 18 6.81 4.70 -5.37
C LEU A 18 5.98 3.41 -5.38
N GLY A 19 4.78 3.49 -5.93
CA GLY A 19 3.97 2.30 -6.16
C GLY A 19 4.43 1.52 -7.38
N THR A 20 4.18 0.20 -7.37
CA THR A 20 4.63 -0.67 -8.45
C THR A 20 3.56 -1.63 -8.98
N TRP A 21 2.32 -1.55 -8.51
CA TRP A 21 1.26 -2.38 -9.09
C TRP A 21 0.99 -1.91 -10.53
N LYS A 22 1.03 -2.85 -11.47
CA LYS A 22 0.78 -2.64 -12.91
C LYS A 22 2.02 -2.10 -13.63
N SER A 23 3.10 -1.82 -12.91
CA SER A 23 4.31 -1.35 -13.58
C SER A 23 4.88 -2.49 -14.41
N PRO A 24 4.95 -2.33 -15.75
CA PRO A 24 5.35 -3.49 -16.55
C PRO A 24 6.76 -3.93 -16.21
N PRO A 25 7.01 -5.25 -16.25
CA PRO A 25 8.34 -5.73 -15.85
C PRO A 25 9.47 -5.18 -16.71
N GLY A 26 9.17 -4.84 -17.97
CA GLY A 26 10.17 -4.25 -18.85
C GLY A 26 10.39 -2.75 -18.68
N GLN A 27 9.61 -2.13 -17.78
CA GLN A 27 9.74 -0.70 -17.50
C GLN A 27 10.01 -0.39 -16.04
N VAL A 28 9.75 -1.33 -15.14
CA VAL A 28 9.79 -0.99 -13.72
C VAL A 28 11.24 -0.88 -13.20
N THR A 29 12.19 -1.56 -13.82
CA THR A 29 13.58 -1.40 -13.39
C THR A 29 14.03 0.05 -13.60
N GLU A 30 13.80 0.59 -14.79
CA GLU A 30 14.14 1.99 -15.01
C GLU A 30 13.32 2.92 -14.14
N ALA A 31 12.04 2.60 -13.91
CA ALA A 31 11.21 3.47 -13.06
C ALA A 31 11.80 3.60 -11.67
N VAL A 32 12.22 2.48 -11.09
CA VAL A 32 12.75 2.48 -9.74
C VAL A 32 14.14 3.14 -9.72
N LYS A 33 14.95 2.92 -10.74
CA LYS A 33 16.23 3.61 -10.84
C LYS A 33 16.06 5.12 -10.88
N VAL A 34 15.14 5.59 -11.73
CA VAL A 34 14.85 7.02 -11.82
C VAL A 34 14.34 7.54 -10.48
N ALA A 35 13.41 6.81 -9.88
CA ALA A 35 12.84 7.23 -8.61
C ALA A 35 13.95 7.44 -7.57
N ILE A 36 14.84 6.47 -7.42
CA ILE A 36 15.91 6.61 -6.45
C ILE A 36 16.82 7.79 -6.83
N ASP A 37 17.13 7.95 -8.12
CA ASP A 37 17.95 9.07 -8.56
C ASP A 37 17.34 10.44 -8.21
N VAL A 38 16.02 10.56 -8.23
CA VAL A 38 15.39 11.86 -8.01
C VAL A 38 14.88 12.03 -6.57
N GLY A 39 15.16 11.06 -5.70
CA GLY A 39 14.96 11.26 -4.28
C GLY A 39 14.10 10.26 -3.54
N TYR A 40 13.40 9.39 -4.25
CA TYR A 40 12.56 8.42 -3.54
C TYR A 40 13.43 7.47 -2.73
N ARG A 41 12.94 7.16 -1.54
CA ARG A 41 13.65 6.25 -0.64
C ARG A 41 12.75 5.14 -0.12
N HIS A 42 11.55 5.04 -0.68
CA HIS A 42 10.51 4.09 -0.26
C HIS A 42 9.89 3.53 -1.52
N ILE A 43 9.88 2.20 -1.65
CA ILE A 43 9.25 1.50 -2.76
C ILE A 43 8.22 0.54 -2.19
N ASP A 44 6.99 0.59 -2.73
CA ASP A 44 5.92 -0.31 -2.33
C ASP A 44 5.79 -1.43 -3.36
N CYS A 45 5.92 -2.66 -2.88
CA CYS A 45 6.01 -3.86 -3.70
C CYS A 45 4.98 -4.89 -3.25
N ALA A 46 4.81 -5.94 -4.05
CA ALA A 46 4.06 -7.12 -3.61
C ALA A 46 4.37 -8.29 -4.50
N HIS A 47 4.38 -9.49 -3.91
CA HIS A 47 4.56 -10.70 -4.70
C HIS A 47 3.51 -10.82 -5.80
N VAL A 48 2.26 -10.48 -5.50
CA VAL A 48 1.18 -10.67 -6.46
C VAL A 48 1.31 -9.73 -7.66
N TYR A 49 2.14 -8.69 -7.56
CA TYR A 49 2.31 -7.78 -8.70
C TYR A 49 3.19 -8.40 -9.80
N GLN A 50 3.90 -9.49 -9.47
CA GLN A 50 4.68 -10.30 -10.42
C GLN A 50 5.88 -9.60 -11.01
N ASN A 51 6.34 -8.51 -10.39
CA ASN A 51 7.47 -7.75 -10.90
C ASN A 51 8.53 -7.48 -9.84
N GLU A 52 8.53 -8.24 -8.74
CA GLU A 52 9.53 -7.96 -7.70
C GLU A 52 10.96 -8.24 -8.17
N ASN A 53 11.18 -9.22 -9.04
CA ASN A 53 12.54 -9.46 -9.52
CA ASN A 53 12.54 -9.46 -9.52
C ASN A 53 13.10 -8.20 -10.19
N GLU A 54 12.27 -7.59 -11.03
CA GLU A 54 12.68 -6.42 -11.80
C GLU A 54 12.82 -5.17 -10.91
N VAL A 55 11.95 -5.03 -9.92
CA VAL A 55 12.15 -3.98 -8.92
C VAL A 55 13.49 -4.17 -8.22
N GLY A 56 13.76 -5.43 -7.86
CA GLY A 56 14.99 -5.75 -7.17
C GLY A 56 16.25 -5.44 -7.97
N VAL A 57 16.21 -5.67 -9.29
CA VAL A 57 17.35 -5.33 -10.12
C VAL A 57 17.72 -3.84 -9.95
N ALA A 58 16.70 -2.99 -9.93
CA ALA A 58 16.93 -1.55 -9.76
C ALA A 58 17.52 -1.22 -8.38
N ILE A 59 16.91 -1.77 -7.33
CA ILE A 59 17.39 -1.53 -5.98
C ILE A 59 18.86 -1.95 -5.86
N GLN A 60 19.17 -3.15 -6.34
CA GLN A 60 20.52 -3.68 -6.23
C GLN A 60 21.51 -2.83 -7.00
N GLU A 61 21.13 -2.36 -8.19
CA GLU A 61 22.04 -1.54 -8.96
C GLU A 61 22.32 -0.22 -8.25
N LYS A 62 21.31 0.39 -7.64
CA LYS A 62 21.53 1.66 -6.96
C LYS A 62 22.34 1.49 -5.66
N LEU A 63 22.18 0.35 -4.99
CA LEU A 63 23.05 0.01 -3.87
C LEU A 63 24.48 -0.21 -4.33
N ARG A 64 24.65 -0.98 -5.41
CA ARG A 64 25.98 -1.24 -5.97
C ARG A 64 26.69 0.05 -6.42
N GLU A 65 25.94 0.94 -7.07
CA GLU A 65 26.43 2.24 -7.52
C GLU A 65 26.71 3.19 -6.35
N GLN A 66 26.24 2.83 -5.16
CA GLN A 66 26.36 3.68 -3.97
C GLN A 66 25.66 5.03 -4.16
N VAL A 67 24.53 5.00 -4.86
CA VAL A 67 23.62 6.13 -4.92
C VAL A 67 22.93 6.32 -3.58
N VAL A 68 22.68 5.20 -2.92
CA VAL A 68 22.02 5.15 -1.62
C VAL A 68 22.60 4.00 -0.83
N LYS A 69 22.52 4.06 0.49
CA LYS A 69 22.86 2.94 1.34
C LYS A 69 21.58 2.19 1.72
N ARG A 70 21.71 0.90 2.03
CA ARG A 70 20.54 0.09 2.33
C ARG A 70 19.74 0.68 3.50
N GLU A 71 20.42 1.22 4.50
CA GLU A 71 19.73 1.76 5.67
C GLU A 71 18.90 3.00 5.32
N GLU A 72 19.18 3.63 4.18
CA GLU A 72 18.43 4.80 3.72
C GLU A 72 17.20 4.44 2.90
N LEU A 73 17.08 3.17 2.51
CA LEU A 73 15.91 2.71 1.76
C LEU A 73 14.89 2.11 2.71
N PHE A 74 13.63 2.21 2.30
CA PHE A 74 12.51 1.66 3.04
C PHE A 74 11.69 0.83 2.05
N ILE A 75 11.91 -0.48 2.08
CA ILE A 75 11.29 -1.36 1.09
C ILE A 75 10.16 -2.14 1.76
N VAL A 76 8.99 -2.07 1.13
CA VAL A 76 7.77 -2.68 1.63
C VAL A 76 7.32 -3.78 0.67
N SER A 77 6.93 -4.93 1.22
CA SER A 77 6.20 -5.90 0.40
C SER A 77 5.06 -6.48 1.22
N LYS A 78 4.36 -7.44 0.61
CA LYS A 78 3.09 -7.91 1.15
C LYS A 78 2.96 -9.41 0.90
N LEU A 79 2.44 -10.08 1.93
CA LEU A 79 2.10 -11.50 1.93
C LEU A 79 0.80 -11.73 1.19
N TRP A 80 0.83 -12.50 0.10
CA TRP A 80 -0.39 -12.70 -0.67
C TRP A 80 -1.33 -13.69 0.05
N CYS A 81 -2.60 -13.63 -0.35
CA CYS A 81 -3.70 -14.32 0.31
C CYS A 81 -3.57 -15.85 0.34
N THR A 82 -2.87 -16.41 -0.65
CA THR A 82 -2.69 -17.85 -0.73
C THR A 82 -1.55 -18.37 0.16
N TYR A 83 -0.97 -17.48 0.97
CA TYR A 83 0.12 -17.85 1.87
C TYR A 83 -0.20 -17.54 3.33
N HIS A 84 -1.49 -17.48 3.68
CA HIS A 84 -1.84 -17.19 5.08
C HIS A 84 -1.56 -18.34 6.05
N GLU A 85 -1.32 -19.56 5.54
CA GLU A 85 -0.97 -20.71 6.39
C GLU A 85 0.35 -20.52 7.16
N LYS A 86 0.39 -20.98 8.42
CA LYS A 86 1.58 -20.77 9.24
CA LYS A 86 1.58 -20.85 9.27
C LYS A 86 2.85 -21.36 8.59
N GLY A 87 2.73 -22.51 7.94
CA GLY A 87 3.89 -23.13 7.32
C GLY A 87 4.32 -22.56 5.99
N LEU A 88 3.59 -21.56 5.49
CA LEU A 88 3.90 -20.94 4.20
C LEU A 88 4.44 -19.51 4.31
N VAL A 89 4.24 -18.86 5.45
CA VAL A 89 4.55 -17.44 5.56
C VAL A 89 6.05 -17.16 5.40
N LYS A 90 6.90 -17.94 6.06
CA LYS A 90 8.33 -17.68 5.98
C LYS A 90 8.83 -17.83 4.54
N GLY A 91 8.41 -18.90 3.87
CA GLY A 91 8.82 -19.13 2.49
C GLY A 91 8.35 -18.01 1.56
N ALA A 92 7.14 -17.51 1.79
CA ALA A 92 6.63 -16.42 0.97
C ALA A 92 7.49 -15.17 1.17
N CYS A 93 7.83 -14.89 2.42
CA CYS A 93 8.67 -13.75 2.71
C CYS A 93 10.05 -13.91 2.06
N GLN A 94 10.63 -15.11 2.22
CA GLN A 94 11.94 -15.38 1.67
C GLN A 94 11.96 -15.29 0.14
N LYS A 95 10.89 -15.72 -0.53
CA LYS A 95 10.82 -15.60 -1.99
C LYS A 95 10.84 -14.12 -2.39
N THR A 96 10.06 -13.31 -1.69
CA THR A 96 10.06 -11.86 -1.93
C THR A 96 11.45 -11.27 -1.66
N LEU A 97 12.10 -11.67 -0.57
CA LEU A 97 13.46 -11.18 -0.29
C LEU A 97 14.44 -11.57 -1.40
N SER A 98 14.34 -12.81 -1.87
CA SER A 98 15.21 -13.28 -2.93
C SER A 98 14.99 -12.49 -4.22
N ASP A 99 13.73 -12.28 -4.57
CA ASP A 99 13.41 -11.51 -5.77
C ASP A 99 13.86 -10.06 -5.67
N LEU A 100 13.66 -9.44 -4.51
CA LEU A 100 14.02 -8.04 -4.32
C LEU A 100 15.54 -7.87 -4.07
N LYS A 101 16.24 -9.00 -3.90
CA LYS A 101 17.68 -9.08 -3.60
C LYS A 101 18.03 -8.31 -2.34
N LEU A 102 17.22 -8.58 -1.33
CA LEU A 102 17.38 -8.00 -0.01
C LEU A 102 17.61 -9.08 1.03
N ASP A 103 18.22 -8.69 2.14
CA ASP A 103 18.27 -9.65 3.25
CA ASP A 103 18.39 -9.54 3.32
C ASP A 103 17.29 -9.29 4.37
N TYR A 104 16.60 -8.16 4.25
CA TYR A 104 15.46 -7.86 5.11
C TYR A 104 14.53 -6.89 4.39
N LEU A 105 13.26 -6.91 4.80
CA LEU A 105 12.30 -5.88 4.42
C LEU A 105 12.16 -4.87 5.54
N ASP A 106 11.93 -3.61 5.20
CA ASP A 106 11.62 -2.64 6.22
C ASP A 106 10.21 -2.82 6.77
N LEU A 107 9.30 -3.31 5.94
CA LEU A 107 7.91 -3.48 6.33
C LEU A 107 7.30 -4.59 5.49
N TYR A 108 6.62 -5.52 6.14
CA TYR A 108 5.93 -6.60 5.46
C TYR A 108 4.48 -6.60 5.93
N LEU A 109 3.57 -6.54 4.97
CA LEU A 109 2.14 -6.40 5.23
C LEU A 109 1.36 -7.66 4.91
N ILE A 110 0.35 -7.97 5.71
CA ILE A 110 -0.69 -8.90 5.25
C ILE A 110 -1.50 -8.14 4.18
N HIS A 111 -1.45 -8.62 2.94
CA HIS A 111 -1.96 -7.84 1.81
C HIS A 111 -3.48 -7.59 1.90
N TRP A 112 -4.21 -8.64 2.27
CA TRP A 112 -5.66 -8.58 2.50
C TRP A 112 -5.96 -9.45 3.71
N PRO A 113 -7.06 -9.16 4.42
CA PRO A 113 -7.39 -9.99 5.59
C PRO A 113 -7.94 -11.38 5.21
N THR A 114 -8.20 -11.60 3.95
CA THR A 114 -8.77 -12.83 3.42
C THR A 114 -7.70 -13.86 3.05
N GLY A 115 -7.72 -15.02 3.69
CA GLY A 115 -6.86 -16.12 3.27
C GLY A 115 -7.55 -16.96 2.22
N PHE A 116 -6.79 -17.39 1.21
CA PHE A 116 -7.27 -18.24 0.13
C PHE A 116 -6.57 -19.59 0.17
N LYS A 117 -7.18 -20.59 -0.44
CA LYS A 117 -6.55 -21.91 -0.59
C LYS A 117 -5.15 -21.79 -1.21
N PRO A 118 -4.13 -22.40 -0.59
CA PRO A 118 -2.80 -22.36 -1.18
C PRO A 118 -2.72 -23.15 -2.49
N GLY A 119 -1.76 -22.76 -3.31
CA GLY A 119 -1.57 -23.38 -4.61
C GLY A 119 -0.96 -22.38 -5.57
N LYS A 120 -0.86 -22.78 -6.84
CA LYS A 120 -0.21 -21.94 -7.82
C LYS A 120 -1.04 -20.70 -8.17
N GLU A 121 -2.36 -20.84 -8.14
CA GLU A 121 -3.26 -19.75 -8.53
C GLU A 121 -3.38 -18.72 -7.42
N PHE A 122 -3.25 -17.44 -7.78
CA PHE A 122 -3.40 -16.38 -6.82
C PHE A 122 -4.85 -16.16 -6.38
N PHE A 123 -5.80 -16.51 -7.26
CA PHE A 123 -7.22 -16.44 -6.95
C PHE A 123 -7.84 -17.81 -7.27
N PRO A 124 -7.68 -18.79 -6.37
CA PRO A 124 -8.27 -20.10 -6.62
C PRO A 124 -9.79 -20.00 -6.60
N LEU A 125 -10.45 -20.51 -7.64
CA LEU A 125 -11.90 -20.40 -7.73
C LEU A 125 -12.56 -21.75 -7.70
N ASP A 126 -13.78 -21.80 -7.18
CA ASP A 126 -14.59 -22.99 -7.37
C ASP A 126 -15.25 -22.88 -8.76
N GLU A 127 -16.06 -23.86 -9.14
CA GLU A 127 -16.58 -23.88 -10.50
C GLU A 127 -17.65 -22.83 -10.76
N SER A 128 -18.07 -22.12 -9.72
CA SER A 128 -19.06 -21.05 -9.87
C SER A 128 -18.43 -19.67 -9.75
N GLY A 129 -17.11 -19.63 -9.64
CA GLY A 129 -16.40 -18.37 -9.67
C GLY A 129 -16.16 -17.70 -8.33
N ASN A 130 -16.51 -18.38 -7.23
CA ASN A 130 -16.21 -17.86 -5.91
C ASN A 130 -14.79 -18.20 -5.53
N VAL A 131 -14.11 -17.30 -4.85
CA VAL A 131 -12.78 -17.62 -4.35
C VAL A 131 -12.87 -18.70 -3.30
N VAL A 132 -11.91 -19.60 -3.30
CA VAL A 132 -11.89 -20.68 -2.32
C VAL A 132 -11.10 -20.22 -1.09
N PRO A 133 -11.77 -20.08 0.07
CA PRO A 133 -11.06 -19.60 1.26
C PRO A 133 -10.11 -20.63 1.88
N SER A 134 -9.20 -20.11 2.69
CA SER A 134 -8.48 -20.91 3.69
C SER A 134 -9.17 -20.75 5.03
N ASP A 135 -9.08 -21.78 5.88
CA ASP A 135 -9.65 -21.67 7.23
C ASP A 135 -8.68 -21.04 8.24
N THR A 136 -7.56 -20.51 7.78
CA THR A 136 -6.62 -19.85 8.69
C THR A 136 -7.08 -18.43 9.01
N ASN A 137 -7.25 -18.13 10.29
CA ASN A 137 -7.73 -16.81 10.69
C ASN A 137 -6.63 -15.76 10.75
N ILE A 138 -7.04 -14.49 10.81
CA ILE A 138 -6.07 -13.42 10.74
C ILE A 138 -5.14 -13.43 11.94
N LEU A 139 -5.59 -13.95 13.08
CA LEU A 139 -4.74 -13.95 14.28
C LEU A 139 -3.57 -14.92 14.16
N ASP A 140 -3.81 -16.10 13.60
CA ASP A 140 -2.72 -17.05 13.39
C ASP A 140 -1.76 -16.56 12.31
N THR A 141 -2.28 -15.94 11.27
CA THR A 141 -1.43 -15.33 10.26
C THR A 141 -0.57 -14.23 10.91
N TRP A 142 -1.16 -13.44 11.80
CA TRP A 142 -0.40 -12.40 12.50
C TRP A 142 0.74 -13.00 13.33
N ALA A 143 0.47 -14.10 14.05
CA ALA A 143 1.54 -14.73 14.81
C ALA A 143 2.70 -15.16 13.91
N ALA A 144 2.37 -15.62 12.70
CA ALA A 144 3.39 -16.02 11.74
C ALA A 144 4.19 -14.80 11.29
N MET A 145 3.52 -13.66 11.12
CA MET A 145 4.21 -12.41 10.78
C MET A 145 5.16 -11.99 11.91
N GLU A 146 4.72 -12.14 13.16
CA GLU A 146 5.57 -11.79 14.29
C GLU A 146 6.86 -12.61 14.30
N GLU A 147 6.77 -13.87 13.90
CA GLU A 147 7.95 -14.72 13.82
C GLU A 147 9.00 -14.16 12.85
N LEU A 148 8.54 -13.51 11.78
CA LEU A 148 9.46 -12.94 10.81
C LEU A 148 10.31 -11.82 11.42
N VAL A 149 9.70 -11.02 12.30
CA VAL A 149 10.45 -10.00 13.03
C VAL A 149 11.52 -10.68 13.89
N ASP A 150 11.11 -11.73 14.60
CA ASP A 150 12.00 -12.40 15.52
C ASP A 150 13.08 -13.25 14.85
N GLU A 151 12.98 -13.44 13.54
CA GLU A 151 14.01 -14.14 12.78
C GLU A 151 14.87 -13.16 11.98
N GLY A 152 14.58 -11.87 12.06
CA GLY A 152 15.38 -10.87 11.39
C GLY A 152 15.08 -10.65 9.91
N LEU A 153 14.01 -11.25 9.40
CA LEU A 153 13.69 -11.11 7.99
CA LEU A 153 13.67 -11.12 7.99
C LEU A 153 13.00 -9.79 7.67
N VAL A 154 12.32 -9.21 8.66
CA VAL A 154 11.60 -7.96 8.46
C VAL A 154 11.78 -7.10 9.70
N LYS A 155 11.84 -5.78 9.50
CA LYS A 155 12.00 -4.84 10.61
C LYS A 155 10.68 -4.44 11.24
N ALA A 156 9.60 -4.48 10.44
CA ALA A 156 8.27 -4.10 10.88
C ALA A 156 7.26 -4.96 10.15
N ILE A 157 6.12 -5.17 10.79
CA ILE A 157 5.00 -5.85 10.17
C ILE A 157 3.75 -4.99 10.27
N GLY A 158 2.85 -5.20 9.33
CA GLY A 158 1.61 -4.45 9.30
C GLY A 158 0.55 -5.16 8.49
N ILE A 159 -0.51 -4.42 8.18
CA ILE A 159 -1.71 -4.96 7.58
C ILE A 159 -2.14 -4.04 6.45
N SER A 160 -3.03 -4.55 5.61
CA SER A 160 -3.52 -3.78 4.48
C SER A 160 -4.96 -4.20 4.19
N ASN A 161 -5.81 -3.21 3.92
CA ASN A 161 -7.22 -3.44 3.65
C ASN A 161 -7.95 -4.07 4.84
N PHE A 162 -7.48 -3.80 6.06
CA PHE A 162 -8.18 -4.23 7.25
C PHE A 162 -9.17 -3.14 7.66
N ASN A 163 -10.41 -3.55 7.93
CA ASN A 163 -11.41 -2.61 8.43
C ASN A 163 -11.22 -2.41 9.93
N HIS A 164 -11.98 -1.51 10.53
CA HIS A 164 -11.66 -1.12 11.91
C HIS A 164 -11.86 -2.29 12.87
N LEU A 165 -12.86 -3.14 12.63
CA LEU A 165 -13.07 -4.31 13.48
C LEU A 165 -11.93 -5.32 13.33
N GLN A 166 -11.36 -5.43 12.13
CA GLN A 166 -10.25 -6.33 11.90
C GLN A 166 -8.95 -5.81 12.52
N VAL A 167 -8.74 -4.49 12.45
CA VAL A 167 -7.62 -3.89 13.15
C VAL A 167 -7.77 -4.16 14.65
N GLU A 168 -8.99 -3.93 15.16
CA GLU A 168 -9.28 -4.16 16.56
C GLU A 168 -9.02 -5.61 16.97
N MET A 169 -9.36 -6.55 16.09
CA MET A 169 -9.14 -7.96 16.37
C MET A 169 -7.65 -8.26 16.58
N ILE A 170 -6.80 -7.67 15.74
CA ILE A 170 -5.37 -7.81 15.93
C ILE A 170 -4.91 -7.14 17.22
N LEU A 171 -5.36 -5.92 17.47
CA LEU A 171 -4.94 -5.21 18.67
C LEU A 171 -5.38 -5.94 19.94
N ASN A 172 -6.48 -6.67 19.85
CA ASN A 172 -6.99 -7.41 21.00
C ASN A 172 -6.56 -8.88 21.02
N LYS A 173 -5.65 -9.26 20.12
CA LYS A 173 -5.20 -10.65 20.03
C LYS A 173 -4.60 -11.12 21.33
N PRO A 174 -5.08 -12.27 21.87
CA PRO A 174 -4.42 -12.81 23.05
C PRO A 174 -2.93 -13.05 22.79
N GLY A 175 -2.10 -12.55 23.69
CA GLY A 175 -0.67 -12.75 23.56
C GLY A 175 0.01 -11.95 22.46
N LEU A 176 -0.65 -10.90 21.96
CA LEU A 176 -0.06 -10.04 20.94
C LEU A 176 1.36 -9.65 21.29
N LYS A 177 2.29 -9.85 20.36
CA LYS A 177 3.68 -9.53 20.62
CA LYS A 177 3.69 -9.55 20.61
C LYS A 177 4.11 -8.23 19.97
N TYR A 178 3.71 -8.01 18.72
CA TYR A 178 3.98 -6.75 18.02
C TYR A 178 2.69 -6.18 17.45
N LYS A 179 2.41 -4.93 17.75
CA LYS A 179 1.30 -4.24 17.10
C LYS A 179 1.60 -4.04 15.63
N PRO A 180 0.57 -3.98 14.79
CA PRO A 180 0.82 -3.57 13.41
C PRO A 180 1.41 -2.15 13.38
N ALA A 181 2.41 -1.95 12.54
CA ALA A 181 3.04 -0.64 12.41
C ALA A 181 2.26 0.27 11.47
N VAL A 182 1.60 -0.34 10.49
CA VAL A 182 0.96 0.33 9.37
C VAL A 182 -0.31 -0.41 8.99
N ASN A 183 -1.33 0.34 8.60
CA ASN A 183 -2.47 -0.19 7.82
C ASN A 183 -2.48 0.56 6.50
N GLN A 184 -2.26 -0.17 5.40
CA GLN A 184 -2.25 0.42 4.07
C GLN A 184 -3.64 0.24 3.44
N ILE A 185 -4.30 1.36 3.14
CA ILE A 185 -5.68 1.35 2.68
C ILE A 185 -5.83 2.32 1.51
N GLU A 186 -6.88 2.09 0.72
CA GLU A 186 -7.20 3.01 -0.35
C GLU A 186 -7.63 4.35 0.23
N CYS A 187 -7.11 5.46 -0.31
CA CYS A 187 -7.51 6.75 0.23
C CYS A 187 -7.22 7.85 -0.77
N HIS A 188 -8.22 8.68 -1.02
CA HIS A 188 -8.15 9.78 -1.98
C HIS A 188 -9.42 10.62 -1.80
N PRO A 189 -9.56 11.75 -2.52
CA PRO A 189 -10.73 12.59 -2.24
C PRO A 189 -12.10 11.94 -2.48
N TYR A 190 -12.17 10.82 -3.21
CA TYR A 190 -13.46 10.16 -3.39
C TYR A 190 -13.68 9.03 -2.37
N LEU A 191 -12.67 8.76 -1.54
CA LEU A 191 -12.73 7.73 -0.49
C LEU A 191 -11.85 8.22 0.64
N THR A 192 -12.39 9.13 1.45
CA THR A 192 -11.56 9.91 2.34
C THR A 192 -11.20 9.24 3.66
N GLN A 193 -11.98 8.22 4.04
CA GLN A 193 -11.59 7.32 5.13
C GLN A 193 -11.43 7.98 6.50
N GLU A 194 -12.20 9.00 6.82
CA GLU A 194 -12.02 9.72 8.08
CA GLU A 194 -11.97 9.72 8.06
C GLU A 194 -12.10 8.81 9.30
N LYS A 195 -13.09 7.92 9.31
CA LYS A 195 -13.30 7.08 10.49
C LYS A 195 -12.15 6.09 10.69
N LEU A 196 -11.77 5.38 9.63
CA LEU A 196 -10.73 4.38 9.78
C LEU A 196 -9.37 5.01 10.07
N ILE A 197 -9.08 6.14 9.43
CA ILE A 197 -7.82 6.84 9.68
C ILE A 197 -7.72 7.30 11.14
N GLN A 198 -8.77 7.93 11.64
CA GLN A 198 -8.80 8.38 13.02
C GLN A 198 -8.54 7.24 13.98
N TYR A 199 -9.21 6.11 13.74
CA TYR A 199 -9.05 4.97 14.62
C TYR A 199 -7.61 4.48 14.63
N CYS A 200 -7.06 4.27 13.44
CA CYS A 200 -5.69 3.76 13.36
C CYS A 200 -4.69 4.71 14.00
N GLN A 201 -4.80 6.00 13.66
CA GLN A 201 -3.87 6.97 14.21
C GLN A 201 -3.98 7.05 15.73
N SER A 202 -5.20 6.90 16.26
CA SER A 202 -5.40 6.95 17.71
C SER A 202 -4.72 5.80 18.42
N LYS A 203 -4.44 4.72 17.68
CA LYS A 203 -3.77 3.54 18.23
C LYS A 203 -2.28 3.52 17.90
N GLY A 204 -1.78 4.56 17.27
CA GLY A 204 -0.37 4.65 16.93
C GLY A 204 0.03 3.89 15.68
N ILE A 205 -0.96 3.48 14.89
CA ILE A 205 -0.76 2.81 13.62
C ILE A 205 -0.71 3.86 12.52
N VAL A 206 0.36 3.84 11.72
CA VAL A 206 0.49 4.77 10.61
C VAL A 206 -0.31 4.27 9.42
N VAL A 207 -1.02 5.17 8.76
CA VAL A 207 -1.81 4.80 7.61
C VAL A 207 -1.07 5.20 6.33
N THR A 208 -0.98 4.25 5.40
CA THR A 208 -0.52 4.51 4.05
C THR A 208 -1.71 4.54 3.10
N ALA A 209 -1.80 5.60 2.30
CA ALA A 209 -2.82 5.80 1.28
C ALA A 209 -2.37 5.23 -0.07
N TYR A 210 -3.10 4.24 -0.55
CA TYR A 210 -2.88 3.72 -1.88
C TYR A 210 -3.91 4.25 -2.87
N SER A 211 -3.61 4.06 -4.15
CA SER A 211 -4.35 4.62 -5.28
C SER A 211 -4.69 6.11 -5.07
N PRO A 212 -3.69 6.93 -4.69
CA PRO A 212 -4.00 8.33 -4.38
C PRO A 212 -4.45 9.16 -5.59
N LEU A 213 -4.14 8.70 -6.79
CA LEU A 213 -4.57 9.37 -8.02
C LEU A 213 -5.83 8.75 -8.59
N GLY A 214 -6.40 7.78 -7.89
CA GLY A 214 -7.58 7.09 -8.37
C GLY A 214 -7.27 5.99 -9.38
N SER A 215 -6.02 5.55 -9.43
CA SER A 215 -5.63 4.41 -10.25
C SER A 215 -6.22 4.42 -11.67
N PRO A 216 -5.90 5.45 -12.47
CA PRO A 216 -6.50 5.49 -13.81
C PRO A 216 -6.16 4.30 -14.69
N ASP A 217 -5.09 3.56 -14.40
CA ASP A 217 -4.74 2.38 -15.17
C ASP A 217 -5.25 1.06 -14.57
N ARG A 218 -6.11 1.12 -13.54
CA ARG A 218 -6.72 -0.09 -13.00
C ARG A 218 -7.39 -0.89 -14.12
N PRO A 219 -7.25 -2.23 -14.11
CA PRO A 219 -7.69 -2.97 -15.30
C PRO A 219 -9.21 -3.05 -15.48
N TRP A 220 -9.97 -2.76 -14.42
CA TRP A 220 -11.42 -2.88 -14.45
C TRP A 220 -12.10 -1.51 -14.57
N ALA A 221 -11.32 -0.52 -15.00
CA ALA A 221 -11.82 0.82 -15.18
C ALA A 221 -12.96 0.87 -16.20
N LYS A 222 -14.10 1.35 -15.76
CA LYS A 222 -15.13 1.76 -16.68
C LYS A 222 -14.96 3.26 -16.86
N PRO A 223 -14.81 3.75 -18.09
CA PRO A 223 -14.73 5.21 -18.23
C PRO A 223 -16.01 5.94 -17.83
N GLU A 224 -17.01 5.24 -17.32
CA GLU A 224 -18.14 5.88 -16.66
C GLU A 224 -17.68 6.48 -15.34
N ASP A 225 -16.73 5.79 -14.70
CA ASP A 225 -16.26 6.08 -13.35
C ASP A 225 -15.81 7.52 -13.16
N PRO A 226 -15.85 8.01 -11.91
CA PRO A 226 -15.31 9.34 -11.61
C PRO A 226 -13.80 9.37 -11.78
N SER A 227 -13.28 10.53 -12.16
CA SER A 227 -11.85 10.68 -12.45
C SER A 227 -11.26 11.83 -11.65
N LEU A 228 -10.45 11.51 -10.65
CA LEU A 228 -9.80 12.53 -9.82
C LEU A 228 -8.97 13.48 -10.63
N LEU A 229 -8.16 12.92 -11.53
CA LEU A 229 -7.21 13.74 -12.27
C LEU A 229 -7.90 14.72 -13.19
N GLU A 230 -9.15 14.43 -13.55
CA GLU A 230 -9.92 15.27 -14.47
CA GLU A 230 -9.87 15.32 -14.46
C GLU A 230 -11.00 16.10 -13.78
N ASP A 231 -11.10 15.99 -12.45
CA ASP A 231 -12.12 16.71 -11.69
C ASP A 231 -11.83 18.20 -11.73
N PRO A 232 -12.72 19.01 -12.32
CA PRO A 232 -12.39 20.44 -12.43
C PRO A 232 -12.20 21.13 -11.10
N ARG A 233 -12.84 20.62 -10.05
CA ARG A 233 -12.72 21.22 -8.71
C ARG A 233 -11.31 21.04 -8.17
N ILE A 234 -10.70 19.89 -8.45
CA ILE A 234 -9.36 19.59 -7.98
C ILE A 234 -8.34 20.30 -8.87
N LYS A 235 -8.61 20.32 -10.18
CA LYS A 235 -7.80 21.09 -11.11
C LYS A 235 -7.72 22.56 -10.70
N ALA A 236 -8.82 23.11 -10.18
CA ALA A 236 -8.84 24.50 -9.77
C ALA A 236 -7.92 24.77 -8.58
N ILE A 237 -7.91 23.85 -7.62
CA ILE A 237 -7.01 23.98 -6.48
C ILE A 237 -5.55 23.89 -6.94
N ALA A 238 -5.27 22.96 -7.85
CA ALA A 238 -3.94 22.85 -8.42
C ALA A 238 -3.51 24.13 -9.13
N ALA A 239 -4.40 24.68 -9.94
CA ALA A 239 -4.08 25.91 -10.67
C ALA A 239 -3.75 27.04 -9.70
N LYS A 240 -4.50 27.16 -8.62
CA LYS A 240 -4.29 28.20 -7.63
C LYS A 240 -2.88 28.13 -7.04
N HIS A 241 -2.39 26.90 -6.84
CA HIS A 241 -1.09 26.67 -6.25
C HIS A 241 0.05 26.53 -7.26
N ASN A 242 -0.26 26.72 -8.54
CA ASN A 242 0.73 26.52 -9.60
CA ASN A 242 0.72 26.53 -9.61
C ASN A 242 1.37 25.14 -9.55
N LYS A 243 0.55 24.13 -9.30
CA LYS A 243 0.99 22.73 -9.25
C LYS A 243 0.09 21.89 -10.15
N THR A 244 0.48 20.65 -10.41
CA THR A 244 -0.39 19.77 -11.17
C THR A 244 -1.46 19.15 -10.26
N THR A 245 -2.50 18.62 -10.89
CA THR A 245 -3.55 17.94 -10.15
CA THR A 245 -3.54 17.97 -10.13
C THR A 245 -2.97 16.76 -9.37
N ALA A 246 -2.07 16.00 -10.01
CA ALA A 246 -1.42 14.89 -9.32
C ALA A 246 -0.67 15.36 -8.09
N GLN A 247 0.04 16.48 -8.19
CA GLN A 247 0.77 17.00 -7.04
C GLN A 247 -0.16 17.36 -5.88
N VAL A 248 -1.31 17.95 -6.19
CA VAL A 248 -2.31 18.22 -5.14
C VAL A 248 -2.80 16.92 -4.51
N LEU A 249 -3.05 15.91 -5.35
CA LEU A 249 -3.57 14.63 -4.87
C LEU A 249 -2.55 13.89 -3.99
N ILE A 250 -1.26 14.14 -4.20
CA ILE A 250 -0.21 13.54 -3.40
C ILE A 250 0.01 14.33 -2.10
N ARG A 251 -0.02 15.66 -2.19
CA ARG A 251 0.17 16.49 -1.01
C ARG A 251 -0.98 16.33 -0.01
N PHE A 252 -2.20 16.11 -0.50
CA PHE A 252 -3.39 15.97 0.32
C PHE A 252 -3.20 14.93 1.46
N PRO A 253 -2.89 13.65 1.15
CA PRO A 253 -2.68 12.70 2.25
C PRO A 253 -1.47 13.05 3.13
N MET A 254 -0.44 13.64 2.56
CA MET A 254 0.72 14.03 3.37
C MET A 254 0.30 14.94 4.52
N GLN A 255 -0.62 15.86 4.25
CA GLN A 255 -1.03 16.82 5.28
C GLN A 255 -2.03 16.23 6.27
N ARG A 256 -2.44 14.98 6.05
CA ARG A 256 -3.25 14.23 7.01
C ARG A 256 -2.41 13.26 7.84
N ASN A 257 -1.08 13.44 7.79
CA ASN A 257 -0.12 12.57 8.46
CA ASN A 257 -0.10 12.58 8.45
C ASN A 257 -0.14 11.14 7.94
N LEU A 258 -0.46 11.01 6.65
CA LEU A 258 -0.43 9.72 5.97
C LEU A 258 0.85 9.60 5.15
N VAL A 259 1.22 8.35 4.91
CA VAL A 259 2.19 7.97 3.90
C VAL A 259 1.43 7.81 2.57
N VAL A 260 2.04 8.12 1.44
CA VAL A 260 1.34 8.02 0.17
C VAL A 260 2.29 7.42 -0.89
N ILE A 261 1.74 6.58 -1.77
CA ILE A 261 2.55 5.76 -2.67
C ILE A 261 2.06 5.80 -4.13
N PRO A 262 2.10 6.99 -4.74
CA PRO A 262 1.70 7.08 -6.16
C PRO A 262 2.57 6.20 -7.05
N LYS A 263 1.92 5.55 -8.02
CA LYS A 263 2.61 4.72 -9.00
C LYS A 263 2.84 5.46 -10.32
N SER A 264 4.04 5.35 -10.86
CA SER A 264 4.28 5.74 -12.24
C SER A 264 5.45 4.97 -12.79
N VAL A 265 5.40 4.71 -14.10
CA VAL A 265 6.59 4.26 -14.83
C VAL A 265 7.07 5.31 -15.83
N THR A 266 6.52 6.52 -15.76
CA THR A 266 6.90 7.61 -16.65
C THR A 266 7.92 8.50 -15.96
N PRO A 267 9.16 8.56 -16.48
CA PRO A 267 10.19 9.30 -15.72
C PRO A 267 9.80 10.73 -15.35
N GLU A 268 9.17 11.46 -16.26
CA GLU A 268 8.79 12.85 -15.97
C GLU A 268 7.78 12.91 -14.82
N ARG A 269 6.86 11.96 -14.79
CA ARG A 269 5.85 11.93 -13.73
C ARG A 269 6.43 11.47 -12.40
N ILE A 270 7.35 10.51 -12.44
CA ILE A 270 8.03 10.08 -11.23
C ILE A 270 8.69 11.29 -10.54
N ALA A 271 9.37 12.11 -11.32
CA ALA A 271 9.98 13.32 -10.79
C ALA A 271 8.93 14.34 -10.33
N GLU A 272 7.90 14.57 -11.13
CA GLU A 272 6.81 15.50 -10.78
C GLU A 272 6.17 15.14 -9.44
N ASN A 273 5.92 13.85 -9.27
CA ASN A 273 5.22 13.36 -8.10
C ASN A 273 6.02 13.53 -6.82
N PHE A 274 7.34 13.67 -6.95
CA PHE A 274 8.19 13.85 -5.77
C PHE A 274 8.30 15.32 -5.37
N LYS A 275 7.94 16.23 -6.27
CA LYS A 275 8.09 17.67 -6.03
C LYS A 275 6.87 18.23 -5.32
N VAL A 276 6.68 17.75 -4.10
CA VAL A 276 5.49 18.04 -3.32
C VAL A 276 5.83 18.49 -1.90
N PHE A 277 7.11 18.80 -1.67
CA PHE A 277 7.56 19.21 -0.34
C PHE A 277 7.76 20.73 -0.23
N ASP A 278 7.34 21.48 -1.24
CA ASP A 278 7.61 22.91 -1.27
C ASP A 278 6.36 23.76 -1.47
N PHE A 279 5.18 23.20 -1.19
CA PHE A 279 3.95 23.99 -1.15
C PHE A 279 3.03 23.40 -0.11
N GLU A 280 2.06 24.19 0.32
CA GLU A 280 1.12 23.77 1.35
C GLU A 280 -0.32 24.05 0.93
N LEU A 281 -1.17 23.04 1.06
CA LEU A 281 -2.60 23.21 0.94
C LEU A 281 -3.13 23.89 2.19
N SER A 282 -4.04 24.85 2.04
CA SER A 282 -4.65 25.48 3.20
C SER A 282 -5.61 24.52 3.90
N SER A 283 -6.01 24.86 5.13
CA SER A 283 -7.03 24.08 5.80
C SER A 283 -8.33 24.04 4.99
N GLN A 284 -8.68 25.18 4.39
CA GLN A 284 -9.84 25.28 3.53
C GLN A 284 -9.69 24.35 2.32
N ASP A 285 -8.52 24.31 1.70
CA ASP A 285 -8.24 23.37 0.62
C ASP A 285 -8.46 21.93 1.09
N MET A 286 -7.94 21.61 2.27
CA MET A 286 -8.03 20.26 2.81
C MET A 286 -9.49 19.85 3.05
N THR A 287 -10.25 20.74 3.69
CA THR A 287 -11.65 20.46 3.96
C THR A 287 -12.45 20.37 2.66
N THR A 288 -12.10 21.21 1.70
CA THR A 288 -12.76 21.16 0.39
C THR A 288 -12.47 19.82 -0.30
N LEU A 289 -11.22 19.37 -0.30
CA LEU A 289 -10.91 18.06 -0.88
C LEU A 289 -11.63 16.93 -0.13
N LEU A 290 -11.68 17.00 1.19
CA LEU A 290 -12.41 15.99 1.96
C LEU A 290 -13.88 15.95 1.58
N SER A 291 -14.43 17.09 1.19
CA SER A 291 -15.86 17.17 0.90
C SER A 291 -16.24 16.40 -0.36
N TYR A 292 -15.26 15.97 -1.14
CA TYR A 292 -15.54 15.27 -2.39
C TYR A 292 -15.76 13.77 -2.17
N ASN A 293 -15.72 13.31 -0.93
CA ASN A 293 -15.91 11.89 -0.63
C ASN A 293 -17.19 11.36 -1.24
N ARG A 294 -17.10 10.19 -1.87
CA ARG A 294 -18.30 9.52 -2.36
CA ARG A 294 -18.29 9.52 -2.39
C ARG A 294 -18.24 8.02 -2.09
N ASN A 295 -17.33 7.61 -1.22
CA ASN A 295 -17.17 6.20 -0.86
C ASN A 295 -16.96 5.31 -2.09
N TRP A 296 -16.15 5.82 -3.03
CA TRP A 296 -15.84 5.12 -4.28
C TRP A 296 -14.51 4.39 -4.18
N ARG A 297 -14.52 3.09 -4.43
CA ARG A 297 -13.32 2.25 -4.34
C ARG A 297 -12.78 1.77 -5.67
N VAL A 298 -11.49 1.99 -5.88
CA VAL A 298 -10.73 1.31 -6.92
C VAL A 298 -10.69 -0.20 -6.65
N CYS A 299 -10.39 -0.53 -5.40
N CYS A 299 -10.36 -0.54 -5.41
CA CYS A 299 -10.11 -1.91 -5.04
CA CYS A 299 -10.09 -1.93 -5.05
C CYS A 299 -11.23 -2.55 -4.28
C CYS A 299 -11.11 -2.42 -4.05
N ALA A 300 -11.99 -3.34 -5.03
N ALA A 300 -12.12 -3.13 -4.52
CA ALA A 300 -13.02 -4.21 -4.54
CA ALA A 300 -13.12 -3.63 -3.59
C ALA A 300 -13.02 -5.36 -5.53
C ALA A 300 -13.14 -5.15 -3.59
N LEU A 301 -13.51 -6.52 -5.13
N LEU A 301 -12.16 -5.76 -4.26
CA LEU A 301 -13.51 -7.63 -6.06
CA LEU A 301 -11.99 -7.22 -4.28
C LEU A 301 -14.66 -8.57 -5.77
C LEU A 301 -13.31 -7.92 -4.53
N LEU A 302 -15.57 -8.67 -6.74
N LEU A 302 -13.98 -7.55 -5.61
CA LEU A 302 -16.80 -9.43 -6.59
CA LEU A 302 -15.36 -7.94 -5.87
C LEU A 302 -16.55 -10.87 -6.19
C LEU A 302 -15.58 -9.45 -5.99
N SER A 303 -15.53 -11.50 -6.78
N SER A 303 -14.52 -10.19 -6.24
CA SER A 303 -15.28 -12.91 -6.55
CA SER A 303 -14.63 -11.64 -6.40
C SER A 303 -14.94 -13.22 -5.09
C SER A 303 -14.72 -12.36 -5.06
N CYS A 304 -14.58 -12.20 -4.32
N CYS A 304 -14.47 -11.61 -3.98
CA CYS A 304 -14.15 -12.42 -2.94
CA CYS A 304 -14.31 -12.21 -2.68
C CYS A 304 -15.15 -11.90 -1.90
C CYS A 304 -15.32 -11.66 -1.65
N THR A 305 -16.29 -11.38 -2.34
N THR A 305 -16.40 -11.05 -2.13
CA THR A 305 -17.22 -10.71 -1.43
CA THR A 305 -17.38 -10.42 -1.25
C THR A 305 -17.95 -11.62 -0.42
C THR A 305 -18.09 -11.41 -0.33
N SER A 306 -17.98 -12.93 -0.66
N SER A 306 -17.92 -12.70 -0.59
CA SER A 306 -18.60 -13.85 0.29
CA SER A 306 -18.55 -13.74 0.21
C SER A 306 -17.59 -14.44 1.27
C SER A 306 -17.61 -14.34 1.26
N HIS A 307 -16.31 -14.09 1.11
CA HIS A 307 -15.31 -14.57 2.05
C HIS A 307 -15.65 -14.02 3.44
N LYS A 308 -15.53 -14.85 4.46
CA LYS A 308 -15.93 -14.44 5.80
C LYS A 308 -15.18 -13.19 6.28
N ASP A 309 -13.99 -12.98 5.75
CA ASP A 309 -13.16 -11.86 6.18
C ASP A 309 -13.08 -10.74 5.13
N TYR A 310 -13.95 -10.76 4.13
N TYR A 310 -14.00 -10.76 4.17
CA TYR A 310 -13.95 -9.68 3.14
CA TYR A 310 -14.13 -9.64 3.24
C TYR A 310 -14.24 -8.37 3.87
C TYR A 310 -14.21 -8.35 4.04
N PRO A 311 -13.38 -7.35 3.70
CA PRO A 311 -13.35 -6.19 4.60
C PRO A 311 -14.40 -5.10 4.38
N PHE A 312 -15.06 -5.05 3.23
CA PHE A 312 -15.81 -3.84 2.89
C PHE A 312 -17.33 -3.97 3.02
N HIS A 313 -17.78 -4.94 3.82
CA HIS A 313 -19.18 -5.02 4.20
C HIS A 313 -19.45 -4.02 5.32
N GLU A 314 -18.51 -3.93 6.26
CA GLU A 314 -18.58 -3.01 7.38
C GLU A 314 -18.57 -1.56 6.90
PA NAP B . -2.30 5.53 -8.58
O1A NAP B . -3.46 6.21 -7.96
O2A NAP B . -0.94 5.67 -8.00
O5B NAP B . -2.33 5.91 -10.14
C5B NAP B . -1.38 5.34 -11.05
C4B NAP B . -1.74 5.84 -12.44
O4B NAP B . -1.59 7.26 -12.47
C3B NAP B . -0.90 5.29 -13.57
O3B NAP B . -1.78 5.13 -14.69
C2B NAP B . 0.10 6.39 -13.83
O2B NAP B . 0.55 6.41 -15.19
C1B NAP B . -0.73 7.64 -13.54
N9A NAP B . 0.07 8.80 -13.08
C8A NAP B . 1.05 8.74 -12.16
N7A NAP B . 1.55 9.97 -11.95
C5A NAP B . 0.86 10.81 -12.76
C6A NAP B . 0.93 12.17 -12.99
N6A NAP B . 1.82 12.95 -12.33
N1A NAP B . 0.09 12.70 -13.89
C2A NAP B . -0.81 11.94 -14.55
N3A NAP B . -0.92 10.62 -14.37
C4A NAP B . -0.08 10.06 -13.48
O3 NAP B . -2.73 3.97 -8.70
PN NAP B . -2.32 2.57 -8.00
O1N NAP B . -1.19 1.96 -8.75
O2N NAP B . -3.59 1.81 -7.89
O5D NAP B . -1.89 2.91 -6.50
C5D NAP B . -0.55 3.24 -6.13
C4D NAP B . 0.15 2.06 -5.49
O4D NAP B . -0.50 1.67 -4.28
C3D NAP B . 0.18 0.78 -6.31
O3D NAP B . 1.03 0.82 -7.44
C2D NAP B . 0.57 -0.21 -5.24
O2D NAP B . 1.97 -0.07 -5.00
C1D NAP B . -0.28 0.28 -4.06
N1N NAP B . -1.59 -0.39 -3.94
C2N NAP B . -1.78 -1.27 -2.94
C3N NAP B . -2.99 -1.95 -2.80
C7N NAP B . -3.23 -2.87 -1.65
O7N NAP B . -4.16 -3.66 -1.68
N7N NAP B . -2.44 -2.75 -0.58
C4N NAP B . -3.99 -1.74 -3.73
C5N NAP B . -3.79 -0.83 -4.76
C6N NAP B . -2.59 -0.16 -4.83
P2B NAP B . 2.04 5.95 -15.67
O1X NAP B . 2.89 7.20 -15.59
O2X NAP B . 2.50 4.86 -14.72
O3X NAP B . 1.79 5.48 -17.09
F I98 C . -10.81 -6.32 -3.40
C15 I98 C . -10.01 -7.39 -3.25
C11 I98 C . -10.30 -8.31 -2.24
C18 I98 C . -9.47 -9.40 -2.04
N2 I98 C . -9.75 -10.30 -1.06
C17 I98 C . -8.35 -9.55 -2.86
C13 I98 C . -8.06 -8.62 -3.87
C22 I98 C . -8.90 -7.53 -4.06
C19 I98 C . -8.68 -6.46 -5.12
N21 I98 C . -7.40 -6.64 -5.78
C20 I98 C . -7.27 -7.15 -7.00
O7 I98 C . -8.23 -7.57 -7.63
C14 I98 C . -5.88 -7.30 -7.52
C10 I98 C . -5.57 -8.50 -8.15
C16 I98 C . -4.30 -8.73 -8.64
C8 I98 C . -3.35 -7.74 -8.45
CL4 I98 C . -1.70 -8.03 -9.04
C9 I98 C . -3.62 -6.54 -7.80
C12 I98 C . -4.91 -6.33 -7.33
O1 I98 C . -5.24 -5.17 -6.72
C3 I98 C . -4.23 -4.40 -6.08
C5 I98 C . -3.80 -5.08 -4.80
O6 I98 C . -4.54 -5.96 -4.28
O23 I98 C . -2.71 -4.66 -4.33
#